data_3KWL
#
_entry.id   3KWL
#
_cell.length_a   47.623
_cell.length_b   95.099
_cell.length_c   65.048
_cell.angle_alpha   90.000
_cell.angle_beta   109.140
_cell.angle_gamma   90.000
#
_symmetry.space_group_name_H-M   'P 1 21 1'
#
loop_
_entity.id
_entity.type
_entity.pdbx_description
1 polymer 'uncharacterized protein'
2 water water
#
_entity_poly.entity_id   1
_entity_poly.type   'polypeptide(L)'
_entity_poly.pdbx_seq_one_letter_code
;GSSHHHHHHSSGLVPRGSH(MSE)SVLKLHVKVFRFETNKDYNPAYESYFLEYQEDQYLLDLLKQLKGVSYSENIALKIN
QIAVFEDAKVSDLVAFFSKEWVLDPLSKRYALKDL(MSE)IDEKAVLKNYEDFFKQVPYITKGEKEELEKFIQINFINPQ
TNPKYLGDGFFLYVKWL(MSE)KRYPTERDRLLE(MSE)ISQPESGV(MSE)NFLSVAHYLYKNDDNIDHEIYELQEILT
NSKIKPWKDFSKNLLSLFQYHSNPPKTPNPPKTCALFNAYAKHLDVQSLLKSAKLYLEK(MSE)GQKTIDLPFCYDGGYY
GKIISTHDFLTASAYNLALAKANGVSLIFCEEDAYLNILHAKEVLDNNPEIINSVNEKLKKYQLVYEKDIEIVYLNEWVN
EFLAWELKSPFDAFVGAEFSRIKQSDHFFNKIHLKAPHFLESFQNYAPLLEVNEASGLLQCAHLRYLGIDLGADFLIAHS
LGLFYAFENLSLKASKIYKRDNDNTPTLFLPQIAL(MSE)A(MSE)GEKNKQDLGLDTHYHKVTFI
;
_entity_poly.pdbx_strand_id   A
#
# COMPACT_ATOMS: atom_id res chain seq x y z
N GLY A 17 3.26 -28.87 40.79
CA GLY A 17 3.22 -28.75 39.29
C GLY A 17 4.53 -29.07 38.58
N SER A 18 4.59 -28.77 37.29
CA SER A 18 5.79 -29.02 36.48
C SER A 18 6.12 -27.81 35.62
N HIS A 19 7.39 -27.69 35.26
CA HIS A 19 7.89 -26.61 34.42
C HIS A 19 7.24 -26.69 33.05
N SER A 21 7.77 -25.88 29.33
CA SER A 21 8.73 -25.55 28.27
C SER A 21 7.96 -24.80 27.18
N VAL A 22 8.19 -23.49 27.11
CA VAL A 22 7.37 -22.55 26.35
C VAL A 22 8.07 -22.03 25.07
N LEU A 23 9.39 -22.19 25.04
CA LEU A 23 10.19 -21.73 23.92
C LEU A 23 10.28 -22.86 22.88
N LYS A 24 9.22 -22.97 22.09
CA LYS A 24 9.06 -24.02 21.10
C LYS A 24 8.52 -23.40 19.83
N LEU A 25 8.99 -23.91 18.70
CA LEU A 25 8.56 -23.45 17.39
C LEU A 25 8.03 -24.61 16.58
N HIS A 26 7.08 -24.32 15.70
CA HIS A 26 6.77 -25.21 14.59
C HIS A 26 7.26 -24.53 13.32
N VAL A 27 8.34 -25.08 12.76
CA VAL A 27 8.90 -24.55 11.51
C VAL A 27 8.63 -25.52 10.37
N LYS A 28 7.88 -25.05 9.37
CA LYS A 28 7.68 -25.79 8.11
C LYS A 28 8.69 -25.29 7.09
N VAL A 29 9.41 -26.20 6.46
CA VAL A 29 10.57 -25.81 5.63
C VAL A 29 10.36 -26.31 4.22
N PHE A 30 10.43 -25.38 3.27
CA PHE A 30 10.33 -25.67 1.83
C PHE A 30 11.47 -26.57 1.44
N ARG A 31 11.14 -27.75 0.95
CA ARG A 31 12.11 -28.73 0.50
C ARG A 31 11.94 -28.97 -0.99
N PHE A 32 13.01 -28.74 -1.76
CA PHE A 32 12.95 -28.72 -3.22
C PHE A 32 14.35 -28.60 -3.81
N GLU A 33 14.57 -29.25 -4.95
CA GLU A 33 15.80 -29.03 -5.74
C GLU A 33 15.43 -28.86 -7.20
N THR A 34 15.83 -27.74 -7.78
CA THR A 34 15.46 -27.38 -9.16
C THR A 34 15.98 -28.37 -10.21
N ASN A 35 17.10 -29.00 -9.91
CA ASN A 35 17.70 -29.96 -10.84
C ASN A 35 17.28 -31.40 -10.54
N LYS A 36 16.44 -31.59 -9.52
CA LYS A 36 15.88 -32.92 -9.22
C LYS A 36 14.40 -33.01 -9.54
N ASP A 37 13.88 -34.23 -9.62
CA ASP A 37 12.52 -34.42 -10.12
C ASP A 37 11.40 -34.56 -9.07
N TYR A 38 11.69 -34.33 -7.79
CA TYR A 38 10.62 -34.41 -6.79
C TYR A 38 9.88 -33.08 -6.65
N ASN A 39 8.57 -33.15 -6.43
CA ASN A 39 7.79 -31.93 -6.24
C ASN A 39 8.19 -31.23 -4.96
N PRO A 40 8.00 -29.90 -4.88
CA PRO A 40 8.23 -29.22 -3.61
C PRO A 40 7.34 -29.80 -2.51
N ALA A 41 7.87 -29.87 -1.30
CA ALA A 41 7.09 -30.34 -0.15
C ALA A 41 7.58 -29.55 1.07
N TYR A 42 6.71 -29.41 2.07
CA TYR A 42 7.11 -28.77 3.31
C TYR A 42 7.36 -29.80 4.38
N GLU A 43 8.48 -29.69 5.08
CA GLU A 43 8.71 -30.54 6.22
C GLU A 43 8.65 -29.83 7.57
N SER A 44 7.94 -30.44 8.52
CA SER A 44 7.70 -29.85 9.83
C SER A 44 8.82 -30.17 10.80
N TYR A 45 9.31 -29.16 11.49
CA TYR A 45 10.21 -29.34 12.61
C TYR A 45 9.56 -28.71 13.84
N PHE A 46 9.63 -29.44 14.95
CA PHE A 46 9.22 -28.92 16.25
C PHE A 46 10.48 -28.72 17.08
N LEU A 47 10.91 -27.47 17.13
CA LEU A 47 12.21 -27.08 17.68
C LEU A 47 12.07 -26.37 19.02
N GLU A 48 13.02 -26.62 19.90
CA GLU A 48 13.15 -25.81 21.12
C GLU A 48 14.21 -24.77 20.88
N TYR A 49 14.02 -23.58 21.45
CA TYR A 49 15.05 -22.57 21.40
C TYR A 49 15.28 -21.99 22.81
N GLN A 50 16.33 -21.21 22.96
CA GLN A 50 16.57 -20.46 24.20
C GLN A 50 16.56 -18.96 23.92
N GLU A 51 16.31 -18.17 24.96
CA GLU A 51 16.19 -16.70 24.86
C GLU A 51 17.40 -16.02 24.19
N ASP A 52 18.55 -16.68 24.29
CA ASP A 52 19.84 -16.14 23.82
C ASP A 52 20.13 -16.40 22.34
N GLN A 53 19.33 -17.25 21.69
CA GLN A 53 19.70 -17.76 20.37
C GLN A 53 19.30 -16.83 19.23
N TYR A 54 20.00 -16.99 18.11
CA TYR A 54 19.71 -16.26 16.88
C TYR A 54 19.21 -17.23 15.82
N LEU A 55 18.65 -16.67 14.75
CA LEU A 55 18.10 -17.46 13.66
C LEU A 55 19.08 -18.52 13.15
N LEU A 56 20.35 -18.13 13.00
CA LEU A 56 21.36 -19.04 12.47
C LEU A 56 21.49 -20.28 13.34
N ASP A 57 21.33 -20.11 14.66
CA ASP A 57 21.28 -21.25 15.58
C ASP A 57 20.14 -22.22 15.29
N LEU A 58 18.97 -21.72 14.89
CA LEU A 58 17.86 -22.60 14.53
C LEU A 58 18.10 -23.26 13.17
N LEU A 59 18.62 -22.49 12.23
CA LEU A 59 18.88 -23.04 10.91
C LEU A 59 19.89 -24.18 11.03
N LYS A 60 20.85 -24.05 11.95
CA LYS A 60 21.84 -25.11 12.18
C LYS A 60 21.22 -26.45 12.64
N GLN A 61 19.99 -26.42 13.15
CA GLN A 61 19.31 -27.63 13.60
C GLN A 61 18.60 -28.34 12.45
N LEU A 62 18.44 -27.64 11.31
CA LEU A 62 17.75 -28.18 10.14
C LEU A 62 18.63 -29.05 9.22
N LYS A 63 18.71 -30.34 9.56
CA LYS A 63 19.55 -31.30 8.85
C LYS A 63 19.28 -31.45 7.34
N GLY A 64 20.31 -31.24 6.54
CA GLY A 64 20.22 -31.40 5.08
C GLY A 64 19.64 -30.22 4.30
N VAL A 65 19.11 -29.23 5.02
CA VAL A 65 18.47 -28.06 4.40
C VAL A 65 19.48 -27.01 3.94
N SER A 66 19.33 -26.60 2.69
CA SER A 66 20.21 -25.62 2.08
CA SER A 66 20.23 -25.61 2.11
C SER A 66 19.72 -24.21 2.40
N TYR A 67 20.62 -23.38 2.95
CA TYR A 67 20.32 -21.97 3.23
C TYR A 67 21.63 -21.20 3.23
N SER A 68 21.57 -19.90 2.94
CA SER A 68 22.79 -19.10 3.08
C SER A 68 22.95 -18.60 4.51
N GLU A 69 24.20 -18.61 4.99
CA GLU A 69 24.50 -18.06 6.30
C GLU A 69 24.39 -16.54 6.30
N ASN A 70 24.48 -15.93 5.12
CA ASN A 70 24.12 -14.53 4.95
C ASN A 70 22.60 -14.47 4.77
N ILE A 71 21.88 -14.26 5.86
CA ILE A 71 20.42 -14.43 5.90
C ILE A 71 19.69 -13.69 4.76
N ALA A 72 18.92 -14.45 3.98
CA ALA A 72 18.10 -13.89 2.89
C ALA A 72 17.06 -14.94 2.51
N LEU A 73 15.91 -14.84 3.13
CA LEU A 73 14.88 -15.86 3.01
C LEU A 73 13.56 -15.26 3.43
N LYS A 74 12.49 -16.05 3.38
CA LYS A 74 11.19 -15.57 3.85
C LYS A 74 10.69 -16.39 5.02
N ILE A 75 10.06 -15.70 5.98
CA ILE A 75 9.36 -16.34 7.07
C ILE A 75 7.91 -15.86 6.92
N ASN A 76 6.97 -16.80 6.81
CA ASN A 76 5.56 -16.45 6.56
C ASN A 76 5.41 -15.43 5.43
N GLN A 77 6.18 -15.66 4.37
CA GLN A 77 6.17 -14.84 3.16
C GLN A 77 6.57 -13.37 3.38
N ILE A 78 7.31 -13.09 4.46
CA ILE A 78 7.90 -11.77 4.70
C ILE A 78 9.40 -11.94 4.54
N ALA A 79 10.05 -11.09 3.76
CA ALA A 79 11.49 -11.19 3.51
C ALA A 79 12.31 -10.83 4.74
N VAL A 80 13.30 -11.67 5.09
CA VAL A 80 14.14 -11.46 6.27
C VAL A 80 15.60 -11.45 5.82
N PHE A 81 16.34 -10.40 6.17
CA PHE A 81 17.74 -10.25 5.74
C PHE A 81 18.74 -10.10 6.89
N GLU A 82 18.33 -10.48 8.09
CA GLU A 82 19.26 -10.44 9.22
C GLU A 82 19.16 -11.65 10.13
N ASP A 83 20.28 -11.94 10.78
CA ASP A 83 20.37 -12.99 11.78
C ASP A 83 19.82 -12.41 13.08
N ALA A 84 18.49 -12.37 13.21
CA ALA A 84 17.81 -11.76 14.35
C ALA A 84 17.69 -12.74 15.51
N LYS A 85 17.49 -12.20 16.72
CA LYS A 85 17.21 -13.01 17.91
C LYS A 85 15.94 -13.80 17.67
N VAL A 86 15.94 -15.06 18.07
CA VAL A 86 14.74 -15.89 17.86
C VAL A 86 13.53 -15.28 18.57
N SER A 87 13.74 -14.78 19.79
CA SER A 87 12.68 -14.14 20.56
C SER A 87 12.09 -12.94 19.81
N ASP A 88 12.93 -12.19 19.09
CA ASP A 88 12.42 -11.06 18.31
C ASP A 88 11.60 -11.54 17.12
N LEU A 89 12.07 -12.61 16.47
CA LEU A 89 11.34 -13.15 15.34
C LEU A 89 9.99 -13.74 15.77
N VAL A 90 9.97 -14.39 16.93
CA VAL A 90 8.71 -14.93 17.47
C VAL A 90 7.70 -13.81 17.76
N ALA A 91 8.16 -12.72 18.35
CA ALA A 91 7.31 -11.54 18.59
C ALA A 91 6.71 -11.02 17.27
N PHE A 92 7.48 -11.05 16.20
CA PHE A 92 6.98 -10.57 14.91
C PHE A 92 6.15 -11.61 14.13
N PHE A 93 6.55 -12.88 14.20
CA PHE A 93 5.98 -13.92 13.31
C PHE A 93 5.13 -15.00 13.95
N SER A 94 5.01 -14.96 15.29
CA SER A 94 4.42 -16.04 16.10
C SER A 94 5.38 -17.23 16.23
N LYS A 95 4.92 -18.32 16.86
CA LYS A 95 5.74 -19.52 17.05
C LYS A 95 5.55 -20.53 15.92
N GLU A 96 4.71 -20.16 14.95
CA GLU A 96 4.46 -20.98 13.76
C GLU A 96 5.08 -20.29 12.53
N TRP A 97 6.12 -20.90 11.97
CA TRP A 97 6.87 -20.30 10.85
C TRP A 97 6.80 -21.18 9.61
N VAL A 98 6.61 -20.55 8.45
CA VAL A 98 6.86 -21.22 7.17
C VAL A 98 8.14 -20.57 6.60
N LEU A 99 9.19 -21.38 6.42
CA LEU A 99 10.47 -20.91 5.86
C LEU A 99 10.52 -21.21 4.36
N ASP A 100 10.67 -20.16 3.55
CA ASP A 100 10.75 -20.27 2.10
C ASP A 100 12.02 -19.60 1.56
N PRO A 101 12.44 -19.99 0.35
CA PRO A 101 13.41 -19.19 -0.38
C PRO A 101 12.80 -17.84 -0.73
N LEU A 102 13.63 -16.90 -1.14
CA LEU A 102 13.13 -15.58 -1.54
C LEU A 102 12.22 -15.70 -2.75
N SER A 103 12.44 -16.74 -3.55
CA SER A 103 11.66 -16.94 -4.75
C SER A 103 11.49 -18.43 -4.99
N LYS A 104 10.26 -18.90 -5.12
CA LYS A 104 10.05 -20.30 -5.52
C LYS A 104 10.41 -20.53 -6.99
N ARG A 105 10.07 -19.58 -7.84
CA ARG A 105 10.35 -19.72 -9.27
C ARG A 105 11.85 -19.92 -9.48
N TYR A 106 12.65 -19.11 -8.80
CA TYR A 106 14.09 -19.22 -8.94
C TYR A 106 14.76 -19.96 -7.78
N ALA A 107 14.01 -20.82 -7.08
CA ALA A 107 14.60 -21.68 -6.01
C ALA A 107 15.68 -22.57 -6.60
N LEU A 108 16.85 -22.63 -5.97
CA LEU A 108 17.89 -23.56 -6.38
C LEU A 108 17.78 -24.86 -5.60
N LYS A 109 17.91 -24.74 -4.28
CA LYS A 109 17.65 -25.85 -3.36
C LYS A 109 17.10 -25.29 -2.05
N ASP A 110 15.99 -25.85 -1.57
CA ASP A 110 15.39 -25.44 -0.30
C ASP A 110 15.27 -23.92 -0.14
N LEU A 111 16.06 -23.33 0.76
CA LEU A 111 15.94 -21.90 1.08
C LEU A 111 16.88 -21.01 0.28
N ILE A 113 18.18 -19.46 -3.53
CA ILE A 113 17.76 -19.19 -4.91
C ILE A 113 18.91 -19.35 -5.91
N ASP A 114 18.55 -19.46 -7.18
CA ASP A 114 19.48 -19.66 -8.29
C ASP A 114 19.78 -18.28 -8.86
N GLU A 115 20.76 -17.60 -8.29
CA GLU A 115 21.10 -16.22 -8.73
C GLU A 115 21.44 -16.15 -10.23
N LYS A 116 22.15 -17.16 -10.73
CA LYS A 116 22.50 -17.26 -12.16
C LYS A 116 21.28 -17.22 -13.08
N ALA A 117 20.22 -17.93 -12.69
CA ALA A 117 19.02 -17.96 -13.50
C ALA A 117 18.32 -16.59 -13.51
N VAL A 118 18.35 -15.90 -12.37
CA VAL A 118 17.75 -14.57 -12.26
C VAL A 118 18.50 -13.64 -13.18
N LEU A 119 19.83 -13.65 -13.08
CA LEU A 119 20.71 -12.77 -13.87
C LEU A 119 20.55 -12.89 -15.39
N LYS A 120 20.13 -14.07 -15.87
CA LYS A 120 19.87 -14.27 -17.31
C LYS A 120 18.82 -13.29 -17.87
N ASN A 121 17.93 -12.78 -17.01
CA ASN A 121 16.91 -11.82 -17.42
C ASN A 121 17.49 -10.49 -17.90
N TYR A 122 18.76 -10.23 -17.58
CA TYR A 122 19.37 -8.91 -17.82
C TYR A 122 20.46 -8.91 -18.90
N GLU A 123 20.56 -10.01 -19.64
CA GLU A 123 21.54 -10.14 -20.71
C GLU A 123 21.38 -9.06 -21.76
N ASP A 124 20.14 -8.85 -22.22
CA ASP A 124 19.84 -7.81 -23.20
C ASP A 124 20.20 -6.40 -22.68
N PHE A 125 19.92 -6.14 -21.41
CA PHE A 125 20.31 -4.87 -20.78
C PHE A 125 21.82 -4.64 -20.86
N PHE A 126 22.60 -5.66 -20.51
CA PHE A 126 24.05 -5.51 -20.47
C PHE A 126 24.69 -5.30 -21.85
N LYS A 127 24.01 -5.77 -22.88
CA LYS A 127 24.45 -5.57 -24.26
C LYS A 127 24.27 -4.13 -24.69
N GLN A 128 23.35 -3.43 -24.04
CA GLN A 128 23.12 -1.99 -24.23
C GLN A 128 24.13 -1.12 -23.49
N VAL A 129 24.84 -1.71 -22.53
CA VAL A 129 25.83 -0.97 -21.72
C VAL A 129 27.25 -1.59 -21.77
N PRO A 130 27.81 -1.76 -22.99
CA PRO A 130 29.07 -2.50 -23.14
C PRO A 130 30.28 -1.76 -22.55
N TYR A 131 30.06 -0.52 -22.11
CA TYR A 131 31.12 0.33 -21.58
C TYR A 131 31.46 0.09 -20.10
N ILE A 132 30.60 -0.63 -19.39
CA ILE A 132 30.85 -0.93 -17.97
C ILE A 132 31.89 -2.02 -17.80
N THR A 133 32.57 -1.99 -16.65
CA THR A 133 33.59 -2.96 -16.33
C THR A 133 32.95 -4.30 -15.95
N LYS A 134 33.73 -5.38 -16.05
CA LYS A 134 33.29 -6.69 -15.59
C LYS A 134 32.83 -6.59 -14.12
N GLY A 135 33.57 -5.82 -13.31
CA GLY A 135 33.26 -5.66 -11.88
C GLY A 135 31.89 -5.03 -11.66
N GLU A 136 31.66 -3.94 -12.38
CA GLU A 136 30.39 -3.22 -12.36
C GLU A 136 29.23 -4.11 -12.80
N LYS A 137 29.42 -4.88 -13.87
CA LYS A 137 28.44 -5.87 -14.27
C LYS A 137 28.11 -6.86 -13.13
N GLU A 138 29.16 -7.35 -12.44
CA GLU A 138 29.04 -8.33 -11.36
C GLU A 138 28.36 -7.81 -10.10
N GLU A 139 28.42 -6.49 -9.91
CA GLU A 139 27.81 -5.83 -8.77
C GLU A 139 26.29 -5.99 -8.69
N LEU A 140 25.63 -6.28 -9.82
CA LEU A 140 24.19 -6.52 -9.80
C LEU A 140 23.84 -7.72 -8.89
N GLU A 141 24.76 -8.68 -8.75
CA GLU A 141 24.53 -9.85 -7.86
C GLU A 141 24.25 -9.47 -6.43
N LYS A 142 24.84 -8.36 -6.01
CA LYS A 142 24.67 -7.85 -4.65
C LYS A 142 23.32 -7.16 -4.45
N PHE A 143 22.62 -6.90 -5.55
CA PHE A 143 21.35 -6.14 -5.50
C PHE A 143 20.16 -7.05 -5.75
N ILE A 144 20.39 -8.15 -6.46
CA ILE A 144 19.32 -8.93 -7.07
C ILE A 144 18.29 -9.51 -6.06
N GLN A 145 18.76 -9.86 -4.87
CA GLN A 145 17.90 -10.41 -3.80
CA GLN A 145 17.89 -10.41 -3.83
C GLN A 145 16.75 -9.45 -3.46
N ILE A 146 16.98 -8.15 -3.67
CA ILE A 146 15.98 -7.11 -3.39
C ILE A 146 14.72 -7.22 -4.27
N ASN A 147 14.90 -7.81 -5.46
CA ASN A 147 13.79 -8.03 -6.39
C ASN A 147 12.63 -8.76 -5.72
N PHE A 148 12.95 -9.61 -4.75
CA PHE A 148 11.99 -10.59 -4.22
C PHE A 148 11.24 -10.17 -2.98
N ILE A 149 11.52 -8.95 -2.50
CA ILE A 149 10.70 -8.36 -1.44
C ILE A 149 9.31 -8.02 -2.00
N ASN A 150 9.28 -7.38 -3.17
CA ASN A 150 8.04 -6.91 -3.77
C ASN A 150 7.03 -8.04 -4.05
N PRO A 151 5.80 -7.95 -3.48
CA PRO A 151 4.79 -8.99 -3.74
C PRO A 151 4.04 -8.84 -5.08
N GLN A 152 4.36 -7.79 -5.84
CA GLN A 152 3.66 -7.50 -7.10
C GLN A 152 3.79 -8.70 -8.08
N THR A 153 2.87 -8.81 -9.04
CA THR A 153 2.84 -9.99 -9.93
C THR A 153 2.94 -9.70 -11.45
N ASN A 154 3.19 -8.45 -11.82
CA ASN A 154 3.49 -8.13 -13.21
C ASN A 154 4.80 -8.84 -13.66
N PRO A 155 4.71 -9.82 -14.60
CA PRO A 155 5.94 -10.51 -15.02
C PRO A 155 6.91 -9.64 -15.82
N LYS A 156 6.45 -8.53 -16.40
CA LYS A 156 7.35 -7.62 -17.13
C LYS A 156 8.18 -6.69 -16.22
N TYR A 157 7.84 -6.66 -14.93
CA TYR A 157 8.44 -5.76 -13.95
C TYR A 157 9.95 -6.05 -13.82
N LEU A 158 10.79 -5.02 -14.01
CA LEU A 158 12.24 -5.27 -14.09
C LEU A 158 12.89 -5.73 -12.79
N GLY A 159 12.29 -5.38 -11.65
CA GLY A 159 12.78 -5.81 -10.35
C GLY A 159 13.40 -4.65 -9.60
N ASP A 160 13.06 -4.53 -8.31
CA ASP A 160 13.56 -3.42 -7.47
C ASP A 160 15.04 -3.45 -7.18
N GLY A 161 15.61 -4.65 -7.09
CA GLY A 161 17.07 -4.76 -7.00
C GLY A 161 17.72 -4.16 -8.23
N PHE A 162 17.19 -4.53 -9.40
CA PHE A 162 17.68 -4.01 -10.66
C PHE A 162 17.53 -2.49 -10.76
N PHE A 163 16.41 -1.94 -10.31
CA PHE A 163 16.25 -0.48 -10.31
C PHE A 163 17.37 0.21 -9.49
N LEU A 164 17.67 -0.33 -8.32
CA LEU A 164 18.69 0.26 -7.44
C LEU A 164 20.13 0.07 -7.96
N TYR A 165 20.35 -1.00 -8.71
CA TYR A 165 21.60 -1.23 -9.44
C TYR A 165 21.80 -0.20 -10.53
N VAL A 166 20.76 0.06 -11.31
CA VAL A 166 20.81 1.10 -12.34
C VAL A 166 21.06 2.49 -11.70
N LYS A 167 20.46 2.73 -10.53
CA LYS A 167 20.71 3.95 -9.74
C LYS A 167 22.19 4.05 -9.36
N TRP A 168 22.74 2.93 -8.89
CA TRP A 168 24.17 2.83 -8.60
C TRP A 168 25.03 3.19 -9.84
N LEU A 169 24.69 2.67 -11.02
CA LEU A 169 25.42 2.97 -12.28
C LEU A 169 25.29 4.44 -12.72
N LYS A 171 25.00 7.15 -10.84
CA LYS A 171 26.03 7.87 -10.07
C LYS A 171 27.43 7.74 -10.69
N ARG A 172 27.78 6.51 -11.07
CA ARG A 172 29.13 6.21 -11.56
C ARG A 172 29.39 6.66 -13.00
N TYR A 173 28.33 6.87 -13.78
CA TYR A 173 28.43 7.34 -15.15
C TYR A 173 27.52 8.56 -15.43
N PRO A 174 27.86 9.74 -14.88
CA PRO A 174 27.06 10.97 -15.05
C PRO A 174 26.66 11.27 -16.51
N THR A 175 27.53 10.95 -17.46
CA THR A 175 27.26 11.13 -18.89
C THR A 175 26.07 10.29 -19.37
N GLU A 176 25.95 9.07 -18.83
CA GLU A 176 24.93 8.11 -19.28
C GLU A 176 23.69 8.10 -18.40
N ARG A 177 23.68 9.00 -17.42
CA ARG A 177 22.62 9.06 -16.43
C ARG A 177 21.20 9.04 -17.05
N ASP A 178 20.98 9.86 -18.08
CA ASP A 178 19.67 9.95 -18.74
C ASP A 178 19.34 8.72 -19.62
N ARG A 179 20.35 8.18 -20.31
CA ARG A 179 20.18 6.95 -21.09
C ARG A 179 19.87 5.74 -20.17
N LEU A 180 20.59 5.64 -19.06
CA LEU A 180 20.32 4.60 -18.07
C LEU A 180 18.90 4.73 -17.49
N LEU A 181 18.55 5.94 -17.08
CA LEU A 181 17.22 6.24 -16.56
C LEU A 181 16.10 5.82 -17.55
N GLU A 182 16.31 6.08 -18.83
CA GLU A 182 15.34 5.72 -19.86
C GLU A 182 15.11 4.20 -19.92
N ILE A 184 15.07 2.21 -17.39
CA ILE A 184 14.15 1.83 -16.29
C ILE A 184 12.87 2.69 -16.29
N SER A 185 12.55 3.31 -17.42
CA SER A 185 11.40 4.22 -17.49
C SER A 185 10.19 3.70 -18.25
N GLN A 186 10.27 2.53 -18.86
CA GLN A 186 9.18 2.07 -19.73
C GLN A 186 7.90 1.79 -18.92
N PRO A 187 6.74 2.25 -19.44
CA PRO A 187 5.49 2.07 -18.70
C PRO A 187 5.24 0.63 -18.24
N GLU A 188 5.60 -0.34 -19.07
CA GLU A 188 5.26 -1.75 -18.84
C GLU A 188 6.09 -2.39 -17.75
N SER A 189 7.32 -1.90 -17.58
CA SER A 189 8.37 -2.61 -16.85
C SER A 189 9.15 -1.78 -15.85
N GLY A 190 9.05 -0.46 -15.97
CA GLY A 190 9.96 0.42 -15.28
C GLY A 190 9.54 0.87 -13.89
N VAL A 191 10.29 1.85 -13.40
CA VAL A 191 10.27 2.21 -11.99
C VAL A 191 8.95 2.85 -11.58
N ASN A 193 6.25 1.67 -11.84
CA ASN A 193 5.41 0.56 -11.33
C ASN A 193 5.59 0.27 -9.85
N PHE A 194 6.58 0.90 -9.21
CA PHE A 194 6.90 0.60 -7.81
C PHE A 194 5.87 1.18 -6.86
N LEU A 195 5.51 0.38 -5.85
CA LEU A 195 4.73 0.82 -4.71
C LEU A 195 5.36 0.19 -3.47
N SER A 196 5.20 0.86 -2.33
CA SER A 196 5.74 0.43 -1.06
C SER A 196 5.80 -1.10 -0.86
N VAL A 197 6.97 -1.58 -0.45
CA VAL A 197 7.13 -3.00 -0.10
C VAL A 197 7.39 -3.20 1.38
N ALA A 198 7.38 -2.11 2.17
CA ALA A 198 7.74 -2.13 3.60
C ALA A 198 6.98 -3.17 4.40
N HIS A 199 5.69 -3.34 4.12
CA HIS A 199 4.94 -4.35 4.87
C HIS A 199 5.50 -5.77 4.69
N TYR A 200 6.15 -6.02 3.56
CA TYR A 200 6.61 -7.36 3.22
C TYR A 200 8.09 -7.58 3.47
N LEU A 201 8.65 -6.72 4.30
CA LEU A 201 10.06 -6.74 4.70
C LEU A 201 10.14 -6.72 6.22
N TYR A 202 10.93 -7.63 6.78
CA TYR A 202 11.02 -7.74 8.24
C TYR A 202 11.44 -6.43 8.89
N LYS A 203 10.71 -6.08 9.96
CA LYS A 203 10.77 -4.80 10.71
C LYS A 203 10.18 -3.60 9.93
N ASN A 204 9.31 -3.89 8.97
CA ASN A 204 8.66 -2.86 8.15
C ASN A 204 9.60 -1.75 7.66
N ASP A 205 10.80 -2.16 7.26
CA ASP A 205 11.84 -1.25 6.84
C ASP A 205 11.44 -0.50 5.55
N ASP A 206 11.54 0.84 5.60
CA ASP A 206 11.14 1.70 4.48
C ASP A 206 12.33 2.24 3.65
N ASN A 207 13.53 1.74 3.93
CA ASN A 207 14.73 2.19 3.20
C ASN A 207 14.65 1.96 1.69
N ILE A 208 14.20 0.77 1.28
CA ILE A 208 14.05 0.46 -0.12
C ILE A 208 13.02 1.41 -0.71
N ASP A 209 11.89 1.57 -0.01
CA ASP A 209 10.82 2.46 -0.48
C ASP A 209 11.35 3.86 -0.83
N HIS A 210 12.13 4.45 0.08
CA HIS A 210 12.59 5.83 -0.13
C HIS A 210 13.58 5.94 -1.27
N GLU A 211 14.44 4.93 -1.41
CA GLU A 211 15.40 4.86 -2.49
C GLU A 211 14.70 4.87 -3.85
N ILE A 212 13.62 4.10 -3.98
CA ILE A 212 12.90 4.04 -5.25
C ILE A 212 11.97 5.24 -5.47
N TYR A 213 11.36 5.76 -4.41
CA TYR A 213 10.62 7.04 -4.52
C TYR A 213 11.53 8.13 -5.11
N GLU A 214 12.80 8.11 -4.71
CA GLU A 214 13.78 9.07 -5.19
C GLU A 214 13.93 8.97 -6.73
N LEU A 215 14.02 7.74 -7.25
CA LEU A 215 14.09 7.52 -8.69
C LEU A 215 12.82 7.99 -9.42
N GLN A 216 11.67 7.73 -8.80
CA GLN A 216 10.39 8.16 -9.35
C GLN A 216 10.31 9.68 -9.47
N GLU A 217 10.86 10.38 -8.47
CA GLU A 217 10.89 11.84 -8.48
C GLU A 217 11.82 12.32 -9.61
N ILE A 218 12.98 11.70 -9.72
CA ILE A 218 13.94 12.04 -10.77
C ILE A 218 13.29 11.85 -12.16
N LEU A 219 12.69 10.67 -12.36
CA LEU A 219 12.05 10.36 -13.63
C LEU A 219 10.91 11.33 -13.97
N THR A 220 10.01 11.57 -13.02
CA THR A 220 8.85 12.46 -13.27
C THR A 220 9.27 13.90 -13.53
N ASN A 221 10.45 14.27 -13.05
CA ASN A 221 11.02 15.59 -13.30
C ASN A 221 12.02 15.65 -14.48
N SER A 222 12.13 14.56 -15.24
CA SER A 222 13.07 14.50 -16.36
C SER A 222 12.36 14.88 -17.66
N LYS A 223 13.08 14.81 -18.77
CA LYS A 223 12.50 15.07 -20.10
C LYS A 223 11.99 13.81 -20.81
N ILE A 224 12.04 12.66 -20.13
CA ILE A 224 11.70 11.39 -20.76
C ILE A 224 10.18 11.22 -20.94
N LYS A 225 9.76 10.93 -22.17
CA LYS A 225 8.36 10.63 -22.48
C LYS A 225 8.01 9.23 -21.95
N PRO A 226 6.77 9.03 -21.46
CA PRO A 226 5.68 10.00 -21.37
C PRO A 226 5.61 10.73 -20.01
N TRP A 227 6.71 10.71 -19.25
CA TRP A 227 6.71 11.16 -17.85
C TRP A 227 6.71 12.68 -17.73
N LYS A 228 7.32 13.36 -18.70
CA LYS A 228 7.24 14.82 -18.77
C LYS A 228 5.77 15.31 -18.84
N ASP A 229 5.01 14.74 -19.78
CA ASP A 229 3.61 15.10 -19.94
C ASP A 229 2.73 14.63 -18.79
N PHE A 230 3.02 13.45 -18.26
CA PHE A 230 2.35 12.93 -17.07
C PHE A 230 2.40 13.93 -15.91
N SER A 231 3.59 14.47 -15.65
CA SER A 231 3.82 15.46 -14.58
C SER A 231 3.15 16.82 -14.86
N LYS A 232 3.32 17.34 -16.06
CA LYS A 232 2.70 18.62 -16.46
C LYS A 232 1.17 18.53 -16.28
N ASN A 233 0.56 17.43 -16.74
CA ASN A 233 -0.88 17.25 -16.59
CA ASN A 233 -0.87 17.26 -16.59
C ASN A 233 -1.32 17.15 -15.14
N LEU A 234 -0.59 16.41 -14.33
CA LEU A 234 -0.95 16.27 -12.92
C LEU A 234 -0.85 17.63 -12.20
N LEU A 235 0.24 18.36 -12.43
CA LEU A 235 0.42 19.67 -11.78
C LEU A 235 -0.64 20.69 -12.18
N SER A 236 -1.20 20.55 -13.39
CA SER A 236 -2.25 21.44 -13.85
C SER A 236 -3.56 21.19 -13.08
N LEU A 237 -3.61 20.11 -12.31
CA LEU A 237 -4.83 19.78 -11.55
C LEU A 237 -4.88 20.40 -10.15
N PHE A 238 -3.79 21.05 -9.73
CA PHE A 238 -3.84 21.85 -8.49
C PHE A 238 -4.58 23.15 -8.77
N GLN A 239 -5.86 23.17 -8.44
CA GLN A 239 -6.72 24.30 -8.77
C GLN A 239 -7.28 24.88 -7.46
N TYR A 240 -6.72 26.02 -7.03
CA TYR A 240 -7.10 26.64 -5.74
C TYR A 240 -8.30 27.58 -5.86
N HIS A 241 -9.28 27.46 -4.95
CA HIS A 241 -10.32 28.48 -4.84
C HIS A 241 -9.64 29.81 -4.42
N SER A 242 -9.84 30.85 -5.25
CA SER A 242 -9.22 32.18 -5.13
C SER A 242 -9.58 32.93 -3.86
N ASN A 243 -10.76 32.64 -3.34
CA ASN A 243 -11.34 33.39 -2.24
C ASN A 243 -12.09 32.47 -1.26
N PRO A 244 -11.35 31.59 -0.56
CA PRO A 244 -12.06 30.55 0.22
C PRO A 244 -12.76 31.13 1.46
N PRO A 245 -13.85 30.50 1.90
CA PRO A 245 -14.60 31.08 3.01
C PRO A 245 -13.88 30.90 4.35
N LYS A 246 -14.05 31.85 5.25
CA LYS A 246 -13.59 31.71 6.64
C LYS A 246 -14.72 32.20 7.54
N THR A 247 -15.59 31.29 7.94
CA THR A 247 -16.70 31.63 8.82
C THR A 247 -16.63 30.82 10.10
N PRO A 248 -17.10 31.40 11.23
CA PRO A 248 -17.14 30.61 12.44
C PRO A 248 -18.25 29.58 12.33
N ASN A 249 -18.08 28.45 13.01
CA ASN A 249 -19.09 27.41 13.02
C ASN A 249 -19.30 26.89 14.42
N PRO A 250 -20.49 26.33 14.71
CA PRO A 250 -20.78 25.78 16.03
C PRO A 250 -19.90 24.57 16.33
N PRO A 251 -19.84 24.16 17.61
CA PRO A 251 -19.18 22.92 17.97
C PRO A 251 -19.75 21.76 17.18
N LYS A 252 -18.92 20.72 17.02
CA LYS A 252 -19.32 19.49 16.29
C LYS A 252 -19.68 19.71 14.82
N THR A 253 -19.02 20.68 14.18
CA THR A 253 -19.16 20.87 12.75
C THR A 253 -17.95 20.24 12.05
N CYS A 254 -18.24 19.51 10.97
CA CYS A 254 -17.26 18.76 10.18
C CYS A 254 -17.30 19.22 8.72
N ALA A 255 -16.20 19.03 7.99
CA ALA A 255 -16.21 19.18 6.54
C ALA A 255 -15.43 18.02 5.97
N LEU A 256 -15.98 17.36 4.95
CA LEU A 256 -15.35 16.15 4.40
C LEU A 256 -14.38 16.52 3.29
N PHE A 257 -13.17 15.97 3.36
CA PHE A 257 -12.27 16.11 2.24
C PHE A 257 -12.90 15.50 0.98
N ASN A 258 -13.00 16.32 -0.08
CA ASN A 258 -13.75 15.87 -1.24
C ASN A 258 -13.07 16.20 -2.56
N ALA A 259 -11.78 16.51 -2.56
CA ALA A 259 -11.11 16.89 -3.82
C ALA A 259 -10.37 15.70 -4.44
N TYR A 260 -11.11 14.88 -5.18
CA TYR A 260 -10.58 13.63 -5.74
C TYR A 260 -10.60 13.77 -7.25
N ALA A 261 -9.75 13.01 -7.93
CA ALA A 261 -9.74 12.99 -9.41
C ALA A 261 -11.16 12.78 -9.93
N LYS A 262 -11.49 13.45 -11.05
CA LYS A 262 -12.87 13.57 -11.51
C LYS A 262 -13.50 12.25 -11.95
N HIS A 263 -12.70 11.30 -12.40
CA HIS A 263 -13.21 9.99 -12.83
C HIS A 263 -13.63 9.10 -11.66
N LEU A 264 -13.10 9.37 -10.47
CA LEU A 264 -13.42 8.54 -9.29
C LEU A 264 -14.87 8.73 -8.87
N ASP A 265 -15.54 7.63 -8.55
CA ASP A 265 -16.91 7.75 -8.07
C ASP A 265 -16.97 7.83 -6.55
N VAL A 266 -17.21 9.03 -6.03
CA VAL A 266 -17.13 9.30 -4.59
C VAL A 266 -18.50 9.46 -3.91
N GLN A 267 -19.56 9.32 -4.69
CA GLN A 267 -20.90 9.60 -4.22
C GLN A 267 -21.24 8.79 -2.97
N SER A 268 -21.08 7.47 -3.06
CA SER A 268 -21.53 6.61 -1.97
C SER A 268 -20.66 6.83 -0.73
N LEU A 269 -19.35 7.04 -0.95
CA LEU A 269 -18.45 7.33 0.16
C LEU A 269 -18.89 8.60 0.92
N LEU A 270 -19.09 9.69 0.19
CA LEU A 270 -19.39 10.98 0.81
C LEU A 270 -20.80 11.02 1.42
N LYS A 271 -21.76 10.38 0.75
CA LYS A 271 -23.12 10.25 1.26
C LYS A 271 -23.19 9.45 2.56
N SER A 272 -22.55 8.28 2.58
CA SER A 272 -22.62 7.45 3.78
C SER A 272 -21.80 8.06 4.91
N ALA A 273 -20.70 8.74 4.55
CA ALA A 273 -19.85 9.42 5.53
C ALA A 273 -20.69 10.47 6.26
N LYS A 274 -21.39 11.30 5.49
CA LYS A 274 -22.22 12.37 6.03
C LYS A 274 -23.29 11.80 6.95
N LEU A 275 -23.98 10.77 6.49
CA LEU A 275 -25.05 10.16 7.28
C LEU A 275 -24.52 9.55 8.58
N TYR A 276 -23.38 8.86 8.50
CA TYR A 276 -22.73 8.32 9.68
C TYR A 276 -22.38 9.43 10.68
N LEU A 277 -21.76 10.49 10.19
CA LEU A 277 -21.41 11.60 11.04
C LEU A 277 -22.62 12.21 11.72
N GLU A 278 -23.71 12.36 10.98
CA GLU A 278 -24.92 12.94 11.53
C GLU A 278 -25.52 12.03 12.62
N LYS A 279 -25.50 10.73 12.35
CA LYS A 279 -25.89 9.75 13.34
C LYS A 279 -25.04 9.91 14.61
N GLY A 281 -23.87 12.61 15.85
CA GLY A 281 -24.07 13.92 16.49
C GLY A 281 -23.33 15.10 15.86
N GLN A 282 -22.74 14.89 14.68
CA GLN A 282 -22.02 15.98 14.00
C GLN A 282 -22.88 16.59 12.91
N LYS A 283 -22.51 17.80 12.49
CA LYS A 283 -23.10 18.42 11.32
C LYS A 283 -21.95 18.71 10.36
N THR A 284 -22.25 18.72 9.05
CA THR A 284 -21.23 18.94 8.02
C THR A 284 -21.52 20.20 7.25
N ILE A 285 -20.47 20.84 6.76
CA ILE A 285 -20.58 21.91 5.78
C ILE A 285 -19.66 21.55 4.61
N ASP A 286 -19.85 22.22 3.48
CA ASP A 286 -18.96 22.08 2.32
C ASP A 286 -17.90 23.16 2.32
N LEU A 287 -16.66 22.79 2.06
CA LEU A 287 -15.54 23.73 1.88
C LEU A 287 -14.81 23.39 0.58
N PRO A 288 -14.29 24.41 -0.12
CA PRO A 288 -13.55 24.13 -1.35
C PRO A 288 -12.10 23.67 -1.09
N PHE A 289 -11.96 22.42 -0.64
CA PHE A 289 -10.63 21.82 -0.50
C PHE A 289 -9.96 21.67 -1.86
N CYS A 290 -8.64 21.94 -1.91
CA CYS A 290 -7.82 21.85 -3.14
C CYS A 290 -7.47 20.39 -3.35
N TYR A 291 -7.32 19.99 -4.62
CA TYR A 291 -6.82 18.66 -4.98
C TYR A 291 -5.44 18.44 -4.38
N ASP A 292 -5.16 17.22 -3.92
CA ASP A 292 -3.93 16.93 -3.18
C ASP A 292 -2.85 16.26 -4.04
N GLY A 293 -3.11 16.11 -5.35
CA GLY A 293 -2.18 15.43 -6.24
C GLY A 293 -2.37 13.92 -6.35
N GLY A 294 -3.37 13.39 -5.67
CA GLY A 294 -3.63 11.94 -5.67
C GLY A 294 -2.43 11.20 -5.12
N TYR A 295 -2.19 10.00 -5.64
CA TYR A 295 -0.99 9.27 -5.25
C TYR A 295 0.33 9.96 -5.67
N TYR A 296 0.42 10.44 -6.91
CA TYR A 296 1.74 10.80 -7.51
C TYR A 296 2.19 12.25 -7.28
N GLY A 297 1.25 13.13 -6.92
CA GLY A 297 1.59 14.53 -6.71
C GLY A 297 2.76 14.73 -5.75
N LYS A 298 2.67 14.09 -4.57
CA LYS A 298 3.75 14.14 -3.59
C LYS A 298 5.12 13.62 -4.11
N ILE A 299 5.12 12.78 -5.13
CA ILE A 299 6.37 12.32 -5.75
C ILE A 299 6.87 13.33 -6.78
N ILE A 300 5.96 13.82 -7.61
CA ILE A 300 6.33 14.73 -8.70
C ILE A 300 6.81 16.08 -8.17
N SER A 301 6.07 16.64 -7.21
CA SER A 301 6.39 17.96 -6.72
C SER A 301 5.98 18.09 -5.26
N THR A 302 6.93 17.79 -4.36
CA THR A 302 6.70 17.92 -2.94
C THR A 302 6.12 19.28 -2.61
N HIS A 303 6.70 20.35 -3.16
CA HIS A 303 6.25 21.67 -2.72
C HIS A 303 4.81 22.01 -3.11
N ASP A 304 4.38 21.61 -4.30
CA ASP A 304 2.98 21.78 -4.71
C ASP A 304 2.06 20.94 -3.82
N PHE A 305 2.46 19.70 -3.59
CA PHE A 305 1.72 18.81 -2.69
C PHE A 305 1.55 19.41 -1.28
N LEU A 306 2.64 19.97 -0.75
CA LEU A 306 2.61 20.52 0.60
C LEU A 306 1.75 21.77 0.65
N THR A 307 1.82 22.59 -0.39
CA THR A 307 1.02 23.82 -0.45
C THR A 307 -0.49 23.50 -0.46
N ALA A 308 -0.91 22.55 -1.29
CA ALA A 308 -2.31 22.11 -1.33
C ALA A 308 -2.77 21.57 0.00
N SER A 309 -1.96 20.71 0.63
CA SER A 309 -2.31 20.17 1.93
C SER A 309 -2.40 21.26 3.01
N ALA A 310 -1.45 22.19 3.01
CA ALA A 310 -1.42 23.30 3.99
C ALA A 310 -2.66 24.20 3.82
N TYR A 311 -3.02 24.46 2.56
CA TYR A 311 -4.24 25.20 2.22
C TYR A 311 -5.47 24.49 2.81
N ASN A 312 -5.60 23.21 2.56
CA ASN A 312 -6.75 22.43 3.09
C ASN A 312 -6.84 22.44 4.61
N LEU A 313 -5.70 22.21 5.27
CA LEU A 313 -5.65 22.25 6.74
C LEU A 313 -5.94 23.64 7.30
N ALA A 314 -5.30 24.66 6.72
CA ALA A 314 -5.58 26.07 7.12
C ALA A 314 -7.04 26.45 6.93
N LEU A 315 -7.65 25.96 5.85
CA LEU A 315 -9.05 26.25 5.52
C LEU A 315 -10.01 25.65 6.57
N ALA A 316 -9.81 24.37 6.90
CA ALA A 316 -10.59 23.73 7.98
C ALA A 316 -10.46 24.52 9.27
N LYS A 317 -9.23 24.84 9.67
CA LYS A 317 -9.01 25.58 10.94
C LYS A 317 -9.66 26.97 10.92
N ALA A 318 -9.56 27.67 9.80
CA ALA A 318 -10.15 29.02 9.68
C ALA A 318 -11.67 29.00 9.75
N ASN A 319 -12.25 27.84 9.50
CA ASN A 319 -13.69 27.68 9.60
C ASN A 319 -14.12 26.96 10.90
N GLY A 320 -13.16 26.66 11.76
CA GLY A 320 -13.49 26.04 13.04
C GLY A 320 -14.18 24.69 12.92
N VAL A 321 -13.80 23.91 11.91
CA VAL A 321 -14.41 22.60 11.66
C VAL A 321 -13.37 21.50 11.69
N SER A 322 -13.82 20.28 12.02
CA SER A 322 -12.97 19.10 11.86
C SER A 322 -12.93 18.69 10.39
N LEU A 323 -11.71 18.54 9.87
CA LEU A 323 -11.51 18.06 8.52
C LEU A 323 -11.59 16.53 8.57
N ILE A 324 -12.59 15.98 7.88
CA ILE A 324 -12.78 14.54 7.89
C ILE A 324 -12.20 13.90 6.64
N PHE A 325 -11.21 13.01 6.86
CA PHE A 325 -10.67 12.20 5.80
C PHE A 325 -11.44 10.88 5.79
N CYS A 326 -12.24 10.72 4.76
CA CYS A 326 -13.25 9.67 4.74
C CYS A 326 -12.72 8.34 4.25
N GLU A 327 -11.50 8.34 3.72
CA GLU A 327 -10.89 7.12 3.19
C GLU A 327 -9.37 7.23 3.21
N GLU A 328 -8.71 6.12 2.97
CA GLU A 328 -7.28 5.96 3.19
C GLU A 328 -6.33 6.79 2.32
N ASP A 329 -6.65 6.94 1.04
CA ASP A 329 -5.73 7.58 0.07
C ASP A 329 -5.42 9.00 0.54
N ALA A 330 -6.47 9.77 0.79
CA ALA A 330 -6.32 11.15 1.22
C ALA A 330 -5.75 11.28 2.63
N TYR A 331 -6.12 10.35 3.51
CA TYR A 331 -5.60 10.34 4.87
C TYR A 331 -4.09 10.07 4.91
N LEU A 332 -3.64 9.02 4.22
CA LEU A 332 -2.19 8.77 4.08
C LEU A 332 -1.46 9.98 3.51
N ASN A 333 -2.05 10.65 2.53
CA ASN A 333 -1.47 11.89 2.02
C ASN A 333 -1.33 12.94 3.12
N ILE A 334 -2.39 13.17 3.89
CA ILE A 334 -2.34 14.24 4.88
C ILE A 334 -1.37 13.91 6.02
N LEU A 335 -1.22 12.62 6.33
CA LEU A 335 -0.22 12.22 7.32
C LEU A 335 1.19 12.61 6.87
N HIS A 336 1.47 12.36 5.59
CA HIS A 336 2.78 12.65 5.03
C HIS A 336 3.05 14.16 5.02
N ALA A 337 2.06 14.93 4.58
CA ALA A 337 2.16 16.40 4.58
C ALA A 337 2.42 16.97 5.97
N LYS A 338 1.63 16.51 6.95
CA LYS A 338 1.78 16.92 8.33
C LYS A 338 3.16 16.57 8.92
N GLU A 339 3.66 15.37 8.62
CA GLU A 339 4.99 14.96 9.05
C GLU A 339 6.09 15.94 8.57
N VAL A 340 6.03 16.33 7.31
CA VAL A 340 6.98 17.26 6.74
C VAL A 340 6.77 18.69 7.27
N LEU A 341 5.54 19.21 7.19
CA LEU A 341 5.29 20.59 7.67
C LEU A 341 5.54 20.77 9.17
N ASP A 342 5.00 19.87 9.99
CA ASP A 342 5.02 20.09 11.45
C ASP A 342 6.38 19.82 12.11
N ASN A 343 7.37 19.45 11.30
CA ASN A 343 8.71 19.23 11.82
C ASN A 343 9.74 20.12 11.13
N ASN A 344 9.27 21.08 10.33
CA ASN A 344 10.16 21.94 9.54
C ASN A 344 9.57 23.33 9.44
N PRO A 345 9.83 24.19 10.44
CA PRO A 345 9.22 25.51 10.45
C PRO A 345 9.56 26.36 9.21
N GLU A 346 10.71 26.12 8.59
CA GLU A 346 11.12 26.81 7.37
C GLU A 346 10.16 26.47 6.20
N ILE A 347 9.71 25.23 6.14
CA ILE A 347 8.78 24.80 5.10
C ILE A 347 7.40 25.44 5.32
N ILE A 348 6.98 25.51 6.58
CA ILE A 348 5.76 26.26 6.93
C ILE A 348 5.86 27.73 6.46
N ASN A 349 6.99 28.38 6.71
CA ASN A 349 7.17 29.75 6.22
C ASN A 349 7.04 29.83 4.71
N SER A 350 7.70 28.89 4.03
CA SER A 350 7.70 28.81 2.57
C SER A 350 6.28 28.62 2.01
N VAL A 351 5.53 27.64 2.53
CA VAL A 351 4.15 27.42 2.05
C VAL A 351 3.26 28.62 2.39
N ASN A 352 3.45 29.19 3.57
CA ASN A 352 2.64 30.35 3.97
C ASN A 352 2.81 31.56 3.08
N GLU A 353 3.97 31.67 2.43
CA GLU A 353 4.16 32.73 1.41
C GLU A 353 3.19 32.53 0.25
N LYS A 354 2.97 31.28 -0.15
CA LYS A 354 2.04 30.99 -1.25
C LYS A 354 0.59 31.11 -0.80
N LEU A 355 0.33 30.87 0.50
CA LEU A 355 -1.03 30.95 1.03
C LEU A 355 -1.53 32.37 1.29
N LYS A 356 -0.60 33.33 1.42
CA LYS A 356 -0.96 34.73 1.69
C LYS A 356 -2.06 35.25 0.76
N LYS A 357 -1.93 34.95 -0.53
CA LYS A 357 -2.90 35.41 -1.54
C LYS A 357 -4.34 34.90 -1.32
N TYR A 358 -4.49 33.80 -0.56
CA TYR A 358 -5.81 33.27 -0.21
C TYR A 358 -6.25 33.73 1.19
N GLN A 359 -5.44 34.59 1.80
CA GLN A 359 -5.55 34.94 3.23
C GLN A 359 -5.73 33.76 4.17
N LEU A 360 -4.90 32.74 3.97
CA LEU A 360 -4.84 31.61 4.88
C LEU A 360 -3.44 31.53 5.46
N VAL A 361 -3.35 31.04 6.70
CA VAL A 361 -2.06 30.90 7.38
C VAL A 361 -2.03 29.51 8.01
N TYR A 362 -1.13 28.67 7.54
CA TYR A 362 -0.98 27.33 8.10
C TYR A 362 -0.24 27.41 9.43
N GLU A 363 -0.67 26.61 10.41
CA GLU A 363 0.05 26.46 11.67
C GLU A 363 0.21 24.96 11.94
N LYS A 364 1.31 24.56 12.58
CA LYS A 364 1.49 23.14 12.90
C LYS A 364 0.40 22.61 13.81
N ASP A 365 0.27 21.28 13.85
CA ASP A 365 -0.62 20.55 14.77
C ASP A 365 -2.11 20.90 14.63
N ILE A 366 -2.57 21.07 13.39
CA ILE A 366 -4.02 21.21 13.15
C ILE A 366 -4.62 19.81 13.20
N GLU A 367 -5.54 19.60 14.15
CA GLU A 367 -6.13 18.27 14.38
C GLU A 367 -7.10 17.91 13.25
N ILE A 368 -6.97 16.69 12.72
CA ILE A 368 -7.87 16.17 11.68
C ILE A 368 -8.49 14.85 12.16
N VAL A 369 -9.42 14.32 11.37
CA VAL A 369 -10.11 13.09 11.73
C VAL A 369 -10.01 12.11 10.58
N TYR A 370 -9.63 10.88 10.90
CA TYR A 370 -9.77 9.77 9.96
C TYR A 370 -11.04 9.06 10.30
N LEU A 371 -12.02 9.09 9.39
CA LEU A 371 -13.32 8.52 9.63
C LEU A 371 -13.25 7.06 10.08
N ASN A 372 -12.32 6.31 9.46
CA ASN A 372 -12.24 4.87 9.68
C ASN A 372 -11.71 4.57 11.06
N GLU A 373 -10.98 5.52 11.63
CA GLU A 373 -10.57 5.49 13.02
C GLU A 373 -11.76 5.74 13.94
N TRP A 374 -12.57 6.75 13.62
CA TRP A 374 -13.81 6.99 14.36
C TRP A 374 -14.77 5.80 14.35
N VAL A 375 -14.90 5.15 13.19
CA VAL A 375 -15.76 3.97 13.12
C VAL A 375 -15.29 2.90 14.13
N ASN A 376 -13.98 2.72 14.23
CA ASN A 376 -13.41 1.71 15.13
C ASN A 376 -13.37 2.09 16.59
N GLU A 377 -13.37 3.39 16.86
CA GLU A 377 -13.12 3.94 18.19
C GLU A 377 -14.42 4.18 18.96
N PHE A 378 -15.41 4.76 18.29
CA PHE A 378 -16.64 5.19 18.97
C PHE A 378 -17.79 4.21 18.80
N LEU A 379 -17.94 3.35 19.81
CA LEU A 379 -18.79 2.17 19.71
C LEU A 379 -19.94 2.14 20.73
N ALA A 380 -20.26 3.30 21.30
CA ALA A 380 -21.35 3.40 22.28
C ALA A 380 -22.68 3.64 21.58
N TRP A 381 -23.13 2.64 20.82
CA TRP A 381 -24.42 2.68 20.12
C TRP A 381 -24.98 1.27 20.12
N GLU A 382 -26.30 1.16 19.94
CA GLU A 382 -26.96 -0.14 20.00
C GLU A 382 -26.84 -0.90 18.68
N LEU A 383 -26.45 -2.18 18.76
CA LEU A 383 -26.41 -3.06 17.59
C LEU A 383 -27.80 -3.55 17.21
N LYS A 384 -28.30 -3.09 16.07
CA LYS A 384 -29.66 -3.42 15.65
C LYS A 384 -29.68 -4.55 14.63
N SER A 385 -28.64 -4.62 13.80
CA SER A 385 -28.56 -5.64 12.74
C SER A 385 -27.18 -6.32 12.74
N PRO A 386 -27.03 -7.39 13.55
CA PRO A 386 -25.75 -8.10 13.67
C PRO A 386 -25.25 -8.67 12.32
N PHE A 387 -23.94 -8.82 12.16
CA PHE A 387 -23.37 -9.38 10.93
C PHE A 387 -22.89 -10.83 11.06
N ASP A 388 -23.47 -11.57 12.01
CA ASP A 388 -22.98 -12.92 12.35
C ASP A 388 -23.10 -13.94 11.21
N ALA A 389 -24.04 -13.72 10.29
CA ALA A 389 -24.21 -14.59 9.11
C ALA A 389 -23.14 -14.40 8.03
N PHE A 390 -22.31 -13.37 8.17
CA PHE A 390 -21.47 -12.92 7.07
C PHE A 390 -19.98 -13.08 7.32
N VAL A 391 -19.22 -13.06 6.22
CA VAL A 391 -17.77 -13.02 6.24
C VAL A 391 -17.32 -11.83 5.40
N GLY A 392 -16.40 -11.02 5.91
CA GLY A 392 -15.86 -9.91 5.13
C GLY A 392 -14.40 -10.10 4.84
N ALA A 393 -13.91 -9.47 3.78
CA ALA A 393 -12.48 -9.47 3.51
C ALA A 393 -12.04 -8.02 3.42
N GLU A 394 -11.18 -7.60 4.34
CA GLU A 394 -10.86 -6.19 4.49
C GLU A 394 -9.47 -5.86 3.95
N PHE A 395 -9.43 -4.85 3.08
CA PHE A 395 -8.18 -4.36 2.54
C PHE A 395 -7.85 -2.99 3.16
N SER A 396 -6.68 -2.91 3.76
CA SER A 396 -6.21 -1.69 4.40
C SER A 396 -4.68 -1.67 4.36
N ARG A 397 -4.10 -0.53 3.98
CA ARG A 397 -2.66 -0.35 4.13
C ARG A 397 -2.25 -0.03 5.56
N ILE A 398 -3.20 0.14 6.46
CA ILE A 398 -2.89 0.56 7.84
C ILE A 398 -3.18 -0.55 8.87
N LYS A 399 -4.46 -0.84 9.12
CA LYS A 399 -4.80 -1.85 10.14
C LYS A 399 -6.19 -2.46 9.95
N GLN A 400 -6.32 -3.73 10.32
CA GLN A 400 -7.63 -4.40 10.32
C GLN A 400 -8.53 -3.86 11.45
N SER A 401 -9.84 -3.81 11.18
CA SER A 401 -10.85 -3.22 12.07
C SER A 401 -11.39 -4.20 13.12
N ASP A 402 -10.52 -4.71 14.00
CA ASP A 402 -10.90 -5.81 14.89
C ASP A 402 -12.06 -5.45 15.82
N HIS A 403 -11.96 -4.27 16.43
CA HIS A 403 -12.89 -3.84 17.46
C HIS A 403 -14.29 -3.60 16.91
N PHE A 404 -14.38 -2.80 15.85
CA PHE A 404 -15.66 -2.57 15.17
C PHE A 404 -16.29 -3.89 14.67
N PHE A 405 -15.50 -4.75 14.03
CA PHE A 405 -16.02 -6.03 13.57
C PHE A 405 -16.49 -6.92 14.72
N ASN A 406 -15.81 -6.87 15.86
CA ASN A 406 -16.23 -7.67 17.02
C ASN A 406 -17.57 -7.14 17.52
N LYS A 407 -17.66 -5.81 17.61
CA LYS A 407 -18.89 -5.14 18.03
C LYS A 407 -20.11 -5.61 17.23
N ILE A 408 -19.93 -5.71 15.92
CA ILE A 408 -21.05 -6.04 15.03
C ILE A 408 -21.15 -7.54 14.68
N HIS A 409 -20.22 -8.33 15.18
CA HIS A 409 -20.20 -9.81 15.00
C HIS A 409 -19.82 -10.23 13.58
N LEU A 410 -19.01 -9.42 12.91
CA LEU A 410 -18.57 -9.76 11.58
C LEU A 410 -17.25 -10.52 11.67
N LYS A 411 -17.25 -11.75 11.17
CA LYS A 411 -16.03 -12.52 10.95
C LYS A 411 -15.27 -12.00 9.73
N ALA A 412 -14.03 -11.55 9.94
CA ALA A 412 -13.19 -11.01 8.87
C ALA A 412 -11.78 -11.55 9.01
N PRO A 413 -11.49 -12.70 8.40
CA PRO A 413 -10.19 -13.35 8.57
C PRO A 413 -9.05 -12.48 8.07
N HIS A 414 -7.92 -12.55 8.76
CA HIS A 414 -6.72 -11.85 8.31
C HIS A 414 -6.12 -12.60 7.15
N PHE A 415 -5.47 -11.89 6.23
CA PHE A 415 -4.83 -12.56 5.11
C PHE A 415 -3.62 -11.80 4.60
N LEU A 416 -2.66 -12.54 4.05
CA LEU A 416 -1.34 -12.00 3.67
C LEU A 416 -1.45 -10.73 2.85
N GLU A 417 -2.38 -10.74 1.89
CA GLU A 417 -2.39 -9.73 0.82
C GLU A 417 -3.24 -8.50 1.14
N SER A 418 -3.75 -8.43 2.37
CA SER A 418 -4.71 -7.36 2.74
C SER A 418 -4.08 -5.96 2.72
N PHE A 419 -2.76 -5.90 2.87
CA PHE A 419 -2.04 -4.64 2.87
C PHE A 419 -1.61 -4.17 1.47
N GLN A 420 -1.99 -4.90 0.43
CA GLN A 420 -1.58 -4.49 -0.92
C GLN A 420 -2.66 -3.64 -1.54
N ASN A 421 -2.28 -2.79 -2.48
CA ASN A 421 -3.23 -1.93 -3.17
C ASN A 421 -2.54 -1.40 -4.42
N TYR A 422 -3.01 -1.87 -5.59
CA TYR A 422 -2.42 -1.52 -6.88
C TYR A 422 -3.20 -0.48 -7.68
N ALA A 423 -4.17 0.18 -7.03
CA ALA A 423 -4.95 1.26 -7.69
C ALA A 423 -4.14 2.43 -8.24
N PRO A 424 -3.06 2.89 -7.53
CA PRO A 424 -2.24 3.92 -8.15
C PRO A 424 -1.74 3.55 -9.56
N LEU A 425 -1.54 2.26 -9.83
CA LEU A 425 -1.00 1.85 -11.13
C LEU A 425 -1.95 2.13 -12.30
N LEU A 426 -3.22 2.36 -12.00
CA LEU A 426 -4.19 2.73 -13.02
C LEU A 426 -3.77 3.98 -13.77
N GLU A 427 -3.00 4.85 -13.10
CA GLU A 427 -2.50 6.10 -13.71
C GLU A 427 -1.22 5.98 -14.51
N VAL A 428 -0.43 4.94 -14.27
CA VAL A 428 0.89 4.84 -14.89
C VAL A 428 1.07 3.59 -15.77
N ASN A 429 0.30 2.54 -15.49
CA ASN A 429 0.34 1.26 -16.23
C ASN A 429 -1.04 0.63 -16.04
N GLU A 430 -2.02 1.13 -16.80
CA GLU A 430 -3.42 0.76 -16.55
C GLU A 430 -3.68 -0.73 -16.58
N ALA A 431 -3.17 -1.42 -17.60
CA ALA A 431 -3.37 -2.86 -17.71
C ALA A 431 -2.87 -3.61 -16.46
N SER A 432 -1.75 -3.19 -15.90
CA SER A 432 -1.21 -3.86 -14.72
C SER A 432 -2.04 -3.55 -13.48
N GLY A 433 -2.47 -2.28 -13.34
CA GLY A 433 -3.35 -1.88 -12.23
C GLY A 433 -4.62 -2.70 -12.25
N LEU A 434 -5.21 -2.82 -13.45
CA LEU A 434 -6.44 -3.60 -13.66
C LEU A 434 -6.28 -5.07 -13.26
N LEU A 435 -5.25 -5.73 -13.80
CA LEU A 435 -4.96 -7.12 -13.49
C LEU A 435 -4.67 -7.39 -12.00
N GLN A 436 -3.85 -6.53 -11.38
CA GLN A 436 -3.43 -6.80 -10.01
C GLN A 436 -4.53 -6.47 -8.98
N CYS A 437 -5.30 -5.42 -9.22
CA CYS A 437 -6.49 -5.15 -8.39
C CYS A 437 -7.51 -6.27 -8.53
N ALA A 438 -7.70 -6.76 -9.76
CA ALA A 438 -8.59 -7.91 -9.99
C ALA A 438 -8.09 -9.14 -9.22
N HIS A 439 -6.77 -9.36 -9.23
CA HIS A 439 -6.16 -10.42 -8.42
C HIS A 439 -6.49 -10.27 -6.92
N LEU A 440 -6.25 -9.08 -6.36
CA LEU A 440 -6.64 -8.81 -4.97
C LEU A 440 -8.13 -9.07 -4.74
N ARG A 441 -8.97 -8.57 -5.64
CA ARG A 441 -10.41 -8.75 -5.50
C ARG A 441 -10.78 -10.24 -5.33
N TYR A 442 -10.21 -11.08 -6.19
CA TYR A 442 -10.53 -12.51 -6.15
C TYR A 442 -9.89 -13.24 -5.00
N LEU A 443 -8.75 -12.76 -4.51
CA LEU A 443 -8.20 -13.26 -3.25
C LEU A 443 -9.19 -13.07 -2.10
N GLY A 444 -9.78 -11.88 -2.01
CA GLY A 444 -10.84 -11.60 -1.03
C GLY A 444 -12.05 -12.52 -1.18
N ILE A 445 -12.53 -12.68 -2.41
CA ILE A 445 -13.67 -13.53 -2.72
C ILE A 445 -13.39 -15.00 -2.35
N ASP A 446 -12.15 -15.43 -2.60
CA ASP A 446 -11.77 -16.82 -2.39
C ASP A 446 -11.62 -17.18 -0.91
N LEU A 447 -11.54 -16.15 -0.07
CA LEU A 447 -11.63 -16.32 1.38
C LEU A 447 -13.03 -16.72 1.83
N GLY A 448 -13.98 -16.67 0.91
CA GLY A 448 -15.40 -16.95 1.19
C GLY A 448 -16.20 -15.72 1.63
N ALA A 449 -15.71 -14.53 1.29
CA ALA A 449 -16.35 -13.28 1.73
C ALA A 449 -17.71 -13.03 1.09
N ASP A 450 -18.67 -12.57 1.88
CA ASP A 450 -19.94 -12.10 1.33
C ASP A 450 -19.78 -10.68 0.78
N PHE A 451 -18.79 -9.95 1.27
CA PHE A 451 -18.49 -8.62 0.76
C PHE A 451 -17.05 -8.25 1.06
N LEU A 452 -16.53 -7.30 0.29
CA LEU A 452 -15.20 -6.81 0.54
C LEU A 452 -15.32 -5.46 1.23
N ILE A 453 -14.31 -5.10 2.01
CA ILE A 453 -14.28 -3.79 2.69
C ILE A 453 -13.08 -3.04 2.15
N ALA A 454 -13.32 -1.90 1.50
CA ALA A 454 -12.25 -1.07 1.01
C ALA A 454 -12.08 0.18 1.89
N HIS A 455 -10.87 0.38 2.41
CA HIS A 455 -10.53 1.62 3.12
C HIS A 455 -10.11 2.70 2.12
N SER A 456 -9.65 2.26 0.94
CA SER A 456 -9.11 3.11 -0.12
C SER A 456 -10.14 3.35 -1.20
N LEU A 457 -10.42 4.61 -1.49
CA LEU A 457 -11.28 4.95 -2.65
C LEU A 457 -10.74 4.43 -3.98
N GLY A 458 -9.43 4.60 -4.21
CA GLY A 458 -8.83 4.09 -5.44
C GLY A 458 -9.09 2.60 -5.62
N LEU A 459 -8.92 1.84 -4.54
CA LEU A 459 -9.11 0.38 -4.63
C LEU A 459 -10.58 0.02 -4.84
N PHE A 460 -11.46 0.73 -4.15
CA PHE A 460 -12.90 0.60 -4.37
C PHE A 460 -13.24 0.78 -5.85
N TYR A 461 -12.75 1.87 -6.44
CA TYR A 461 -13.00 2.17 -7.86
C TYR A 461 -12.52 1.01 -8.76
N ALA A 462 -11.33 0.49 -8.49
CA ALA A 462 -10.81 -0.66 -9.25
C ALA A 462 -11.72 -1.90 -9.10
N PHE A 463 -12.14 -2.16 -7.86
CA PHE A 463 -12.99 -3.30 -7.55
C PHE A 463 -14.38 -3.19 -8.20
N GLU A 464 -14.87 -1.95 -8.38
CA GLU A 464 -16.27 -1.70 -8.78
C GLU A 464 -16.44 -1.20 -10.22
N ASN A 465 -16.25 0.10 -10.39
CA ASN A 465 -16.39 0.78 -11.67
C ASN A 465 -15.55 0.16 -12.78
N LEU A 466 -14.40 -0.39 -12.43
CA LEU A 466 -13.49 -0.95 -13.42
C LEU A 466 -13.51 -2.45 -13.42
N SER A 467 -14.48 -3.01 -12.71
CA SER A 467 -14.68 -4.45 -12.60
C SER A 467 -14.95 -5.05 -13.98
N LEU A 468 -15.88 -4.45 -14.71
CA LEU A 468 -16.28 -4.95 -16.03
C LEU A 468 -15.10 -4.97 -16.99
N LYS A 469 -14.43 -3.82 -17.15
CA LYS A 469 -13.24 -3.71 -18.01
C LYS A 469 -12.13 -4.70 -17.61
N ALA A 470 -11.99 -4.93 -16.31
CA ALA A 470 -11.02 -5.88 -15.76
C ALA A 470 -11.36 -7.35 -16.10
N SER A 471 -12.64 -7.70 -16.00
CA SER A 471 -13.07 -9.07 -16.31
C SER A 471 -12.79 -9.44 -17.77
N LYS A 472 -12.93 -8.47 -18.66
CA LYS A 472 -12.70 -8.67 -20.09
C LYS A 472 -11.24 -8.99 -20.41
N ILE A 473 -10.35 -8.70 -19.44
CA ILE A 473 -8.92 -8.96 -19.60
C ILE A 473 -8.32 -9.89 -18.51
N TYR A 474 -8.95 -9.93 -17.34
CA TYR A 474 -8.57 -10.88 -16.26
C TYR A 474 -9.42 -12.13 -16.41
N LYS A 475 -8.75 -13.25 -16.65
CA LYS A 475 -9.39 -14.44 -17.19
C LYS A 475 -10.06 -15.31 -16.13
N ARG A 476 -11.12 -14.76 -15.53
CA ARG A 476 -11.91 -15.47 -14.54
C ARG A 476 -13.37 -15.02 -14.61
N ASP A 477 -14.28 -15.98 -14.45
CA ASP A 477 -15.72 -15.73 -14.46
C ASP A 477 -16.12 -14.55 -13.57
N ASN A 478 -17.17 -13.85 -14.00
CA ASN A 478 -17.74 -12.73 -13.26
C ASN A 478 -18.36 -13.15 -11.94
N ASP A 479 -18.02 -12.42 -10.89
CA ASP A 479 -18.56 -12.63 -9.56
C ASP A 479 -19.05 -11.25 -9.12
N ASN A 480 -20.26 -11.16 -8.59
CA ASN A 480 -20.83 -9.87 -8.20
C ASN A 480 -20.78 -9.54 -6.70
N THR A 481 -19.74 -10.03 -6.02
CA THR A 481 -19.48 -9.70 -4.62
C THR A 481 -19.37 -8.18 -4.46
N PRO A 482 -20.15 -7.60 -3.54
CA PRO A 482 -20.06 -6.15 -3.38
C PRO A 482 -18.86 -5.69 -2.54
N THR A 483 -18.55 -4.40 -2.63
CA THR A 483 -17.53 -3.74 -1.82
C THR A 483 -18.22 -2.65 -1.01
N LEU A 484 -17.91 -2.59 0.28
CA LEU A 484 -18.50 -1.59 1.17
C LEU A 484 -17.44 -0.76 1.86
N PHE A 485 -17.80 0.47 2.18
CA PHE A 485 -16.96 1.33 3.03
C PHE A 485 -17.36 1.14 4.50
N LEU A 486 -16.44 1.38 5.43
CA LEU A 486 -16.75 1.21 6.87
C LEU A 486 -17.99 1.97 7.39
N PRO A 487 -18.14 3.28 7.06
CA PRO A 487 -19.37 3.96 7.49
C PRO A 487 -20.66 3.31 7.00
N GLN A 488 -20.67 2.73 5.80
CA GLN A 488 -21.84 1.99 5.30
C GLN A 488 -22.15 0.77 6.20
N ILE A 489 -21.12 0.03 6.53
CA ILE A 489 -21.27 -1.14 7.40
C ILE A 489 -21.80 -0.70 8.76
N ALA A 490 -21.22 0.39 9.31
CA ALA A 490 -21.64 0.89 10.62
C ALA A 490 -23.11 1.29 10.62
N LEU A 491 -23.52 2.03 9.59
CA LEU A 491 -24.90 2.44 9.44
C LEU A 491 -25.87 1.25 9.36
N ALA A 493 -25.25 -1.81 10.53
CA ALA A 493 -25.25 -2.42 11.88
C ALA A 493 -26.12 -1.63 12.88
N GLY A 495 -28.79 -0.36 12.01
CA GLY A 495 -30.17 -0.66 11.63
C GLY A 495 -30.69 0.05 10.39
N GLU A 496 -29.81 0.75 9.68
CA GLU A 496 -30.21 1.41 8.44
C GLU A 496 -30.52 0.37 7.35
N LYS A 497 -31.71 0.43 6.78
CA LYS A 497 -32.11 -0.50 5.72
C LYS A 497 -32.26 0.15 4.34
N ASN A 498 -32.25 1.47 4.30
CA ASN A 498 -32.48 2.17 3.03
C ASN A 498 -31.21 2.21 2.17
N LYS A 499 -31.17 1.34 1.15
CA LYS A 499 -30.00 1.22 0.26
C LYS A 499 -29.60 2.55 -0.37
N GLN A 500 -30.58 3.35 -0.77
CA GLN A 500 -30.29 4.63 -1.38
C GLN A 500 -29.62 5.60 -0.38
N ASP A 501 -30.08 5.58 0.87
CA ASP A 501 -29.52 6.45 1.93
C ASP A 501 -28.05 6.10 2.23
N LEU A 502 -27.72 4.82 2.05
CA LEU A 502 -26.35 4.29 2.23
C LEU A 502 -25.47 4.52 1.02
N GLY A 503 -26.07 4.99 -0.07
CA GLY A 503 -25.35 5.24 -1.32
C GLY A 503 -25.17 4.00 -2.19
N LEU A 504 -25.69 2.87 -1.72
CA LEU A 504 -25.45 1.57 -2.36
C LEU A 504 -26.06 1.42 -3.76
N ASP A 505 -27.08 2.22 -4.06
CA ASP A 505 -27.70 2.18 -5.38
C ASP A 505 -26.71 2.65 -6.48
N THR A 506 -25.61 3.31 -6.11
CA THR A 506 -24.60 3.72 -7.11
C THR A 506 -23.36 2.82 -7.19
N HIS A 507 -23.32 1.72 -6.43
CA HIS A 507 -22.23 0.74 -6.57
C HIS A 507 -22.45 -0.04 -7.87
N TYR A 508 -21.36 -0.55 -8.45
CA TYR A 508 -21.47 -1.44 -9.60
C TYR A 508 -22.03 -2.81 -9.21
N HIS A 509 -21.48 -3.41 -8.15
CA HIS A 509 -21.97 -4.66 -7.61
C HIS A 509 -23.04 -4.40 -6.55
N LYS A 510 -24.28 -4.78 -6.86
CA LYS A 510 -25.42 -4.48 -5.98
C LYS A 510 -25.37 -5.33 -4.71
N VAL A 511 -25.80 -4.75 -3.60
CA VAL A 511 -25.92 -5.49 -2.35
C VAL A 511 -27.29 -6.17 -2.33
N THR A 512 -27.32 -7.49 -2.14
CA THR A 512 -28.59 -8.21 -2.12
C THR A 512 -29.08 -8.67 -0.74
N PHE A 513 -28.19 -8.74 0.25
CA PHE A 513 -28.56 -9.15 1.62
C PHE A 513 -29.34 -8.09 2.46
N ILE A 514 -29.59 -6.93 1.88
CA ILE A 514 -30.64 -5.98 2.37
C ILE A 514 -31.34 -5.33 1.18
#